data_8OFS
#
_entry.id   8OFS
#
_cell.length_a   62.130
_cell.length_b   62.490
_cell.length_c   71.800
_cell.angle_alpha   90.00
_cell.angle_beta   93.85
_cell.angle_gamma   90.00
#
_symmetry.space_group_name_H-M   'P 1 21 1'
#
loop_
_entity.id
_entity.type
_entity.pdbx_description
1 polymer Fiber
2 non-polymer 'N-acetyl-beta-neuraminic acid'
#
_entity_poly.entity_id   1
_entity_poly.type   'polypeptide(L)'
_entity_poly.pdbx_seq_one_letter_code
;NDKLTLWTTPDPSPNCKVSEEKDSKLTLVLTKCGSQILASVSLLVVKGKFANINNETNPGEDYKKFSVKLLFDANGKLLT
GSSLDGNYWNYKNKDSVIGSPYENAVPFMPNSTAYPKIINNGTANPEDKKSAAKKTIVTNVYLGGDAGQPVATTVSFNKE
TESNCVYSITFDFAWNKTYKNVPFDSSSLTFSYIAQDAEDKNE
;
_entity_poly.pdbx_strand_id   A,B,C
#
loop_
_chem_comp.id
_chem_comp.type
_chem_comp.name
_chem_comp.formula
SLB D-saccharide, beta linking 'N-acetyl-beta-neuraminic acid' 'C11 H19 N O9'
#
# COMPACT_ATOMS: atom_id res chain seq x y z
N ASN A 1 14.68 10.98 -10.05
CA ASN A 1 15.14 11.59 -11.34
C ASN A 1 14.18 12.71 -11.74
N ASP A 2 14.61 13.58 -12.67
CA ASP A 2 13.87 14.81 -13.08
C ASP A 2 12.69 14.41 -13.97
N LYS A 3 11.50 14.92 -13.62
CA LYS A 3 10.24 14.80 -14.42
C LYS A 3 9.51 13.52 -14.01
N LEU A 4 10.17 12.64 -13.26
CA LEU A 4 9.66 11.29 -12.91
C LEU A 4 9.09 11.31 -11.48
N THR A 5 9.47 12.31 -10.69
CA THR A 5 9.16 12.40 -9.23
C THR A 5 8.93 13.86 -8.85
N LEU A 6 7.67 14.26 -8.81
CA LEU A 6 7.18 15.47 -8.13
C LEU A 6 7.11 15.20 -6.62
N TRP A 7 7.54 16.16 -5.80
CA TRP A 7 7.65 16.01 -4.32
C TRP A 7 7.86 17.37 -3.65
N THR A 8 7.88 17.38 -2.32
CA THR A 8 8.56 18.41 -1.49
C THR A 8 10.06 18.11 -1.53
N THR A 9 10.82 18.56 -0.55
CA THR A 9 12.16 17.99 -0.27
C THR A 9 11.98 16.79 0.67
N PRO A 10 12.90 15.79 0.62
CA PRO A 10 12.90 14.70 1.59
C PRO A 10 12.85 15.18 3.05
N ASP A 11 13.67 16.19 3.38
CA ASP A 11 13.70 16.86 4.71
C ASP A 11 13.27 18.31 4.54
N PRO A 12 11.96 18.60 4.49
CA PRO A 12 11.48 19.93 4.14
C PRO A 12 11.46 20.87 5.36
N SER A 13 11.82 22.14 5.13
CA SER A 13 11.55 23.29 6.03
C SER A 13 10.05 23.56 6.05
N PRO A 14 9.52 24.19 7.13
CA PRO A 14 8.07 24.36 7.30
C PRO A 14 7.41 24.91 6.02
N ASN A 15 6.55 24.11 5.38
CA ASN A 15 6.05 24.37 4.01
C ASN A 15 4.55 24.05 3.92
N CYS A 16 3.85 23.91 5.05
CA CYS A 16 2.42 23.53 5.09
C CYS A 16 1.68 24.28 6.19
N LYS A 17 0.53 24.87 5.84
CA LYS A 17 -0.46 25.42 6.80
C LYS A 17 -1.45 24.31 7.18
N VAL A 18 -1.64 24.08 8.47
CA VAL A 18 -2.61 23.10 9.02
C VAL A 18 -3.69 23.86 9.78
N SER A 19 -3.28 24.70 10.74
CA SER A 19 -4.18 25.57 11.55
C SER A 19 -3.73 27.03 11.44
N GLU A 20 -2.44 27.27 11.16
CA GLU A 20 -1.89 28.62 10.80
C GLU A 20 -0.77 28.43 9.76
N GLU A 21 -0.10 29.52 9.37
CA GLU A 21 0.86 29.55 8.23
C GLU A 21 2.12 28.76 8.63
N LYS A 22 2.70 28.02 7.68
CA LYS A 22 3.99 27.27 7.84
C LYS A 22 4.13 26.76 9.28
N ASP A 23 3.14 26.01 9.76
CA ASP A 23 3.06 25.50 11.16
C ASP A 23 3.34 24.00 11.16
N SER A 24 3.84 23.45 10.04
CA SER A 24 3.99 21.99 9.84
C SER A 24 4.85 21.71 8.59
N LYS A 25 5.75 20.72 8.70
CA LYS A 25 6.51 20.13 7.57
C LYS A 25 5.72 18.95 7.03
N LEU A 26 5.28 19.02 5.78
CA LEU A 26 4.62 17.90 5.06
C LEU A 26 5.59 17.34 4.02
N THR A 27 6.01 16.10 4.20
CA THR A 27 6.85 15.34 3.25
C THR A 27 5.92 14.51 2.36
N LEU A 28 5.91 14.81 1.05
CA LEU A 28 5.10 14.08 0.02
C LEU A 28 5.98 13.81 -1.19
N VAL A 29 6.00 12.55 -1.64
CA VAL A 29 6.78 12.11 -2.85
C VAL A 29 5.83 11.36 -3.79
N LEU A 30 5.58 11.95 -4.96
CA LEU A 30 4.86 11.30 -6.09
C LEU A 30 5.88 10.77 -7.09
N THR A 31 6.00 9.45 -7.20
CA THR A 31 6.77 8.74 -8.26
C THR A 31 5.78 8.14 -9.25
N LYS A 32 5.97 8.40 -10.55
CA LYS A 32 5.05 7.95 -11.62
C LYS A 32 5.54 6.63 -12.17
N CYS A 33 5.22 5.51 -11.50
CA CYS A 33 5.36 4.15 -12.07
C CYS A 33 4.18 3.91 -13.03
N GLY A 34 4.51 3.86 -14.33
CA GLY A 34 3.53 3.71 -15.42
C GLY A 34 2.37 4.66 -15.29
N SER A 35 1.15 4.16 -15.52
CA SER A 35 -0.11 4.94 -15.57
C SER A 35 -0.64 5.23 -14.16
N GLN A 36 -0.02 4.63 -13.14
CA GLN A 36 -0.36 4.87 -11.71
C GLN A 36 0.64 5.85 -11.10
N ILE A 37 0.28 6.44 -9.96
CA ILE A 37 1.19 7.27 -9.12
C ILE A 37 1.38 6.58 -7.77
N LEU A 38 2.63 6.22 -7.46
CA LEU A 38 3.05 5.75 -6.12
C LEU A 38 3.44 6.96 -5.27
N ALA A 39 2.95 7.00 -4.04
CA ALA A 39 3.17 8.11 -3.11
C ALA A 39 3.34 7.57 -1.69
N SER A 40 4.34 8.06 -0.96
CA SER A 40 4.36 8.06 0.53
C SER A 40 4.26 9.51 1.03
N VAL A 41 3.81 9.68 2.27
CA VAL A 41 3.48 11.00 2.86
C VAL A 41 3.55 10.89 4.39
N SER A 42 4.35 11.75 5.01
CA SER A 42 4.36 11.99 6.48
C SER A 42 4.01 13.45 6.75
N LEU A 43 3.36 13.72 7.87
CA LEU A 43 3.03 15.09 8.33
C LEU A 43 3.57 15.28 9.75
N LEU A 44 4.23 16.40 9.98
CA LEU A 44 4.80 16.79 11.30
C LEU A 44 4.42 18.24 11.60
N VAL A 45 3.55 18.45 12.58
CA VAL A 45 3.07 19.78 13.04
C VAL A 45 4.02 20.28 14.15
N VAL A 46 4.72 21.38 13.89
CA VAL A 46 5.86 21.87 14.71
C VAL A 46 5.36 22.94 15.68
N LYS A 47 4.26 23.62 15.36
CA LYS A 47 3.69 24.72 16.18
C LYS A 47 2.19 24.85 15.90
N GLY A 48 1.43 25.40 16.85
CA GLY A 48 -0.02 25.66 16.72
C GLY A 48 -0.86 24.55 17.32
N LYS A 49 -2.13 24.49 16.91
CA LYS A 49 -3.20 23.66 17.52
C LYS A 49 -2.68 22.24 17.77
N PHE A 50 -2.10 21.61 16.76
CA PHE A 50 -1.90 20.14 16.67
C PHE A 50 -0.43 19.76 16.91
N ALA A 51 0.40 20.72 17.33
CA ALA A 51 1.84 20.54 17.60
C ALA A 51 2.03 19.71 18.87
N ASN A 52 1.10 19.83 19.82
CA ASN A 52 0.98 18.98 21.02
C ASN A 52 -0.50 18.81 21.36
N ILE A 53 -1.15 17.85 20.70
CA ILE A 53 -2.60 17.52 20.85
C ILE A 53 -2.87 17.19 22.31
N ASN A 54 -3.85 17.85 22.92
CA ASN A 54 -4.47 17.41 24.20
C ASN A 54 -5.99 17.62 24.11
N ASN A 55 -6.75 16.53 24.13
CA ASN A 55 -8.24 16.53 24.02
C ASN A 55 -8.86 16.35 25.41
N GLU A 56 -8.04 16.17 26.44
CA GLU A 56 -8.47 16.20 27.86
C GLU A 56 -8.99 17.60 28.16
N THR A 57 -8.20 18.63 27.81
CA THR A 57 -8.48 20.08 28.09
C THR A 57 -9.15 20.73 26.88
N ASN A 58 -9.06 20.10 25.69
CA ASN A 58 -9.71 20.56 24.42
C ASN A 58 -10.55 19.45 23.83
N PRO A 59 -11.67 19.05 24.48
CA PRO A 59 -12.49 17.94 24.00
C PRO A 59 -13.20 18.22 22.66
N GLY A 60 -13.30 19.51 22.30
CA GLY A 60 -14.01 19.98 21.10
C GLY A 60 -13.50 19.31 19.84
N GLU A 61 -14.40 19.10 18.87
CA GLU A 61 -14.16 18.34 17.62
C GLU A 61 -13.11 19.06 16.79
N ASP A 62 -13.14 20.40 16.76
CA ASP A 62 -12.21 21.24 15.96
C ASP A 62 -10.76 20.88 16.32
N TYR A 63 -10.56 20.26 17.50
CA TYR A 63 -9.23 19.87 18.06
C TYR A 63 -8.95 18.37 17.85
N LYS A 64 -9.88 17.62 17.22
CA LYS A 64 -9.80 16.14 17.07
C LYS A 64 -9.76 15.75 15.58
N LYS A 65 -9.53 16.72 14.69
CA LYS A 65 -9.55 16.50 13.21
C LYS A 65 -9.06 17.74 12.48
N PHE A 66 -8.51 17.56 11.30
CA PHE A 66 -8.14 18.64 10.35
C PHE A 66 -7.97 18.03 8.96
N SER A 67 -7.74 18.90 7.97
CA SER A 67 -7.66 18.55 6.54
C SER A 67 -6.55 19.35 5.88
N VAL A 68 -5.80 18.72 4.98
CA VAL A 68 -4.72 19.35 4.17
C VAL A 68 -5.09 19.18 2.69
N LYS A 69 -5.25 20.28 1.98
CA LYS A 69 -5.62 20.31 0.55
C LYS A 69 -4.37 20.63 -0.27
N LEU A 70 -4.20 19.94 -1.39
CA LEU A 70 -3.38 20.41 -2.54
C LEU A 70 -4.32 20.71 -3.71
N LEU A 71 -4.40 21.98 -4.11
CA LEU A 71 -5.27 22.45 -5.22
C LEU A 71 -4.40 22.69 -6.47
N PHE A 72 -4.85 22.17 -7.61
CA PHE A 72 -4.10 22.20 -8.89
C PHE A 72 -4.98 22.78 -10.00
N ASP A 73 -4.33 23.46 -10.96
CA ASP A 73 -4.96 24.00 -12.19
C ASP A 73 -4.79 22.98 -13.33
N ALA A 74 -5.35 23.28 -14.51
CA ALA A 74 -5.40 22.36 -15.69
C ALA A 74 -3.98 21.98 -16.13
N ASN A 75 -2.99 22.83 -15.85
CA ASN A 75 -1.55 22.57 -16.07
C ASN A 75 -1.01 21.66 -14.95
N GLY A 76 -1.68 21.67 -13.79
CA GLY A 76 -1.31 20.85 -12.62
C GLY A 76 -0.36 21.60 -11.69
N LYS A 77 -0.33 22.93 -11.77
CA LYS A 77 0.41 23.80 -10.84
C LYS A 77 -0.35 23.87 -9.52
N LEU A 78 0.37 23.85 -8.41
CA LEU A 78 -0.18 24.05 -7.04
C LEU A 78 -0.60 25.51 -6.92
N LEU A 79 -1.83 25.76 -6.46
CA LEU A 79 -2.41 27.12 -6.32
C LEU A 79 -2.20 27.61 -4.89
N THR A 80 -2.28 28.93 -4.67
CA THR A 80 -2.59 29.53 -3.35
C THR A 80 -4.02 29.12 -2.98
N GLY A 81 -4.29 28.88 -1.69
CA GLY A 81 -5.50 28.19 -1.22
C GLY A 81 -5.22 26.73 -0.91
N SER A 82 -4.18 26.16 -1.54
CA SER A 82 -3.51 24.91 -1.08
C SER A 82 -2.95 25.13 0.33
N SER A 83 -2.98 24.07 1.16
CA SER A 83 -2.36 24.05 2.49
C SER A 83 -0.82 24.09 2.35
N LEU A 84 -0.32 23.66 1.19
CA LEU A 84 1.13 23.46 0.90
C LEU A 84 1.69 24.66 0.16
N ASP A 85 2.71 25.31 0.73
CA ASP A 85 3.53 26.36 0.05
C ASP A 85 4.25 25.73 -1.14
N GLY A 86 4.35 26.47 -2.26
CA GLY A 86 4.78 25.95 -3.56
C GLY A 86 6.23 26.26 -3.87
N ASN A 87 6.91 27.00 -2.99
CA ASN A 87 8.33 27.39 -3.16
C ASN A 87 9.19 26.14 -3.37
N TYR A 88 9.12 25.20 -2.41
CA TYR A 88 9.93 23.96 -2.34
C TYR A 88 9.03 22.75 -2.63
N TRP A 89 8.21 22.88 -3.67
CA TRP A 89 7.40 21.78 -4.28
C TRP A 89 7.65 21.76 -5.80
N ASN A 90 8.44 20.80 -6.29
CA ASN A 90 8.96 20.74 -7.68
C ASN A 90 9.46 19.33 -7.99
N TYR A 91 10.03 19.13 -9.18
CA TYR A 91 10.68 17.86 -9.62
C TYR A 91 12.02 17.69 -8.89
N LYS A 92 12.42 16.43 -8.68
CA LYS A 92 13.58 16.05 -7.83
C LYS A 92 14.88 16.38 -8.58
N ASN A 93 15.94 16.72 -7.84
CA ASN A 93 17.35 16.72 -8.33
C ASN A 93 18.29 16.48 -7.15
N LYS A 94 18.85 15.26 -7.06
CA LYS A 94 19.45 14.67 -5.83
C LYS A 94 18.42 14.83 -4.68
N ASP A 95 18.87 15.24 -3.49
CA ASP A 95 18.02 15.33 -2.27
C ASP A 95 17.27 16.67 -2.28
N SER A 96 17.40 17.43 -3.38
CA SER A 96 16.96 18.85 -3.51
C SER A 96 15.93 18.98 -4.67
N VAL A 97 15.90 20.14 -5.34
CA VAL A 97 14.85 20.49 -6.35
C VAL A 97 15.52 21.09 -7.60
N ILE A 98 14.82 21.02 -8.74
CA ILE A 98 15.26 21.60 -10.05
C ILE A 98 15.20 23.13 -9.99
N GLY A 99 16.06 23.82 -10.75
CA GLY A 99 16.32 25.27 -10.65
C GLY A 99 15.06 26.11 -10.85
N SER A 100 14.37 25.92 -11.99
CA SER A 100 13.15 26.67 -12.38
C SER A 100 11.91 26.01 -11.76
N PRO A 101 10.87 26.80 -11.39
CA PRO A 101 9.55 26.23 -11.09
C PRO A 101 8.97 25.49 -12.31
N TYR A 102 8.11 24.49 -12.09
CA TYR A 102 7.65 23.54 -13.15
C TYR A 102 6.47 24.15 -13.91
N GLU A 103 6.50 24.05 -15.24
CA GLU A 103 5.49 24.63 -16.17
C GLU A 103 4.27 23.70 -16.22
N ASN A 104 4.50 22.41 -16.51
CA ASN A 104 3.43 21.39 -16.69
C ASN A 104 3.69 20.21 -15.75
N ALA A 105 2.62 19.63 -15.19
CA ALA A 105 2.66 18.45 -14.31
C ALA A 105 1.29 17.74 -14.27
N VAL A 106 0.67 17.56 -15.44
CA VAL A 106 -0.63 16.82 -15.60
C VAL A 106 -0.40 15.32 -15.37
N PRO A 107 0.67 14.70 -15.96
CA PRO A 107 0.91 13.26 -15.80
C PRO A 107 0.78 12.77 -14.36
N PHE A 108 0.86 13.68 -13.38
CA PHE A 108 0.90 13.37 -11.93
C PHE A 108 -0.49 13.59 -11.29
N MET A 109 -1.42 14.24 -11.99
CA MET A 109 -2.76 14.59 -11.45
C MET A 109 -3.66 13.36 -11.49
N PRO A 110 -4.59 13.18 -10.51
CA PRO A 110 -5.54 12.06 -10.55
C PRO A 110 -6.42 12.06 -11.81
N ASN A 111 -6.78 10.85 -12.28
CA ASN A 111 -7.61 10.60 -13.49
C ASN A 111 -9.01 11.17 -13.28
N SER A 112 -9.41 12.10 -14.14
CA SER A 112 -10.70 12.84 -14.05
C SER A 112 -11.83 12.01 -14.68
N THR A 113 -11.52 10.82 -15.19
CA THR A 113 -12.52 9.80 -15.62
C THR A 113 -12.77 8.83 -14.47
N ALA A 114 -11.70 8.42 -13.78
CA ALA A 114 -11.74 7.50 -12.64
C ALA A 114 -12.25 8.24 -11.42
N TYR A 115 -11.74 9.47 -11.21
CA TYR A 115 -12.09 10.37 -10.08
C TYR A 115 -12.70 11.65 -10.64
N PRO A 116 -13.92 11.57 -11.22
CA PRO A 116 -14.54 12.70 -11.87
C PRO A 116 -14.86 13.83 -10.89
N LYS A 117 -14.82 15.07 -11.39
CA LYS A 117 -15.23 16.31 -10.70
C LYS A 117 -16.67 16.19 -10.16
N ILE A 118 -17.45 15.24 -10.66
CA ILE A 118 -18.88 15.02 -10.30
C ILE A 118 -18.99 14.86 -8.78
N ILE A 119 -20.04 15.40 -8.18
CA ILE A 119 -20.29 15.40 -6.71
C ILE A 119 -21.80 15.55 -6.49
N ASN A 120 -22.44 16.50 -7.21
CA ASN A 120 -23.92 16.63 -7.32
C ASN A 120 -24.44 15.68 -8.41
N ASN A 121 -25.41 14.82 -8.06
CA ASN A 121 -26.09 13.87 -8.99
C ASN A 121 -27.59 14.17 -8.98
N GLY A 122 -28.15 14.53 -10.14
CA GLY A 122 -29.59 14.87 -10.31
C GLY A 122 -30.45 13.64 -10.55
N THR A 123 -29.97 12.73 -11.40
CA THR A 123 -30.56 11.39 -11.67
C THR A 123 -29.61 10.31 -11.12
N ALA A 124 -29.94 9.03 -11.34
CA ALA A 124 -29.10 7.85 -10.97
C ALA A 124 -29.58 6.61 -11.74
N ASN A 125 -29.26 6.53 -13.03
CA ASN A 125 -29.62 5.40 -13.95
C ASN A 125 -28.72 4.20 -13.66
N PRO A 126 -29.24 2.95 -13.64
CA PRO A 126 -28.48 1.80 -13.11
C PRO A 126 -27.03 1.73 -13.61
N GLU A 127 -26.83 1.78 -14.93
CA GLU A 127 -25.51 1.59 -15.59
C GLU A 127 -24.67 2.87 -15.48
N ASP A 128 -25.31 4.02 -15.30
CA ASP A 128 -24.65 5.36 -15.28
C ASP A 128 -24.54 5.86 -13.83
N LYS A 129 -24.53 4.96 -12.85
CA LYS A 129 -24.43 5.30 -11.40
C LYS A 129 -22.96 5.54 -11.03
N LYS A 130 -22.63 6.76 -10.58
CA LYS A 130 -21.24 7.22 -10.31
C LYS A 130 -20.90 6.92 -8.85
N SER A 131 -19.61 6.97 -8.49
CA SER A 131 -19.06 6.47 -7.19
C SER A 131 -18.38 7.59 -6.42
N ALA A 132 -18.70 7.70 -5.14
CA ALA A 132 -18.01 8.58 -4.19
C ALA A 132 -16.76 7.89 -3.68
N ALA A 133 -16.87 6.61 -3.32
CA ALA A 133 -15.84 5.80 -2.61
C ALA A 133 -14.60 5.62 -3.51
N LYS A 134 -14.82 5.34 -4.79
CA LYS A 134 -13.76 5.22 -5.82
C LYS A 134 -12.67 6.28 -5.63
N LYS A 135 -13.07 7.53 -5.32
CA LYS A 135 -12.18 8.73 -5.28
C LYS A 135 -11.46 8.79 -3.95
N THR A 136 -11.66 7.79 -3.10
CA THR A 136 -11.34 7.76 -1.66
C THR A 136 -10.35 6.64 -1.37
N ILE A 137 -9.33 6.93 -0.57
CA ILE A 137 -8.57 5.91 0.20
C ILE A 137 -8.73 6.19 1.69
N VAL A 138 -9.44 5.32 2.41
CA VAL A 138 -9.55 5.36 3.89
C VAL A 138 -8.61 4.31 4.49
N THR A 139 -7.81 4.74 5.44
CA THR A 139 -6.75 3.93 6.10
C THR A 139 -6.48 4.59 7.46
N ASN A 140 -5.35 4.26 8.10
CA ASN A 140 -4.85 4.92 9.33
C ASN A 140 -3.38 5.25 9.15
N VAL A 141 -2.96 6.41 9.68
CA VAL A 141 -1.56 6.65 10.11
C VAL A 141 -1.52 6.61 11.64
N TYR A 142 -0.31 6.62 12.19
CA TYR A 142 -0.05 6.32 13.61
C TYR A 142 0.94 7.35 14.16
N LEU A 143 0.46 8.20 15.06
CA LEU A 143 1.25 9.33 15.62
C LEU A 143 2.44 8.79 16.43
N GLY A 144 3.64 9.27 16.09
CA GLY A 144 4.88 8.94 16.79
C GLY A 144 5.40 7.57 16.41
N GLY A 145 4.74 6.93 15.44
CA GLY A 145 5.01 5.54 15.03
C GLY A 145 4.60 4.55 16.11
N ASP A 146 3.75 5.00 17.04
CA ASP A 146 3.12 4.16 18.08
C ASP A 146 1.81 3.56 17.52
N ALA A 147 1.68 2.23 17.59
CA ALA A 147 0.53 1.46 17.09
C ALA A 147 -0.74 1.76 17.90
N GLY A 148 -0.58 2.37 19.09
CA GLY A 148 -1.69 2.69 19.99
C GLY A 148 -2.27 4.07 19.72
N GLN A 149 -1.78 4.76 18.68
CA GLN A 149 -2.08 6.20 18.41
C GLN A 149 -2.55 6.36 16.96
N PRO A 150 -3.70 5.75 16.61
CA PRO A 150 -4.26 5.82 15.26
C PRO A 150 -4.98 7.14 14.92
N VAL A 151 -4.69 7.66 13.73
CA VAL A 151 -5.48 8.73 13.04
C VAL A 151 -6.11 8.14 11.79
N ALA A 152 -7.44 8.12 11.72
CA ALA A 152 -8.22 7.82 10.49
C ALA A 152 -7.80 8.82 9.40
N THR A 153 -7.22 8.32 8.32
CA THR A 153 -6.64 9.12 7.22
C THR A 153 -7.44 8.85 5.94
N THR A 154 -7.91 9.90 5.28
CA THR A 154 -8.77 9.84 4.08
C THR A 154 -8.12 10.67 2.98
N VAL A 155 -7.38 10.00 2.09
CA VAL A 155 -6.93 10.57 0.79
C VAL A 155 -8.13 10.65 -0.16
N SER A 156 -8.35 11.81 -0.77
CA SER A 156 -9.44 12.05 -1.74
C SER A 156 -8.86 12.68 -2.99
N PHE A 157 -9.40 12.33 -4.17
CA PHE A 157 -8.92 12.81 -5.48
C PHE A 157 -10.00 13.65 -6.18
N ASN A 158 -9.62 14.81 -6.69
CA ASN A 158 -10.53 15.74 -7.41
C ASN A 158 -11.83 15.88 -6.60
N LYS A 159 -11.70 15.94 -5.28
CA LYS A 159 -12.81 16.17 -4.30
C LYS A 159 -13.12 17.65 -4.26
N GLU A 160 -12.07 18.48 -4.23
CA GLU A 160 -12.14 19.92 -3.89
C GLU A 160 -12.55 20.69 -5.14
N THR A 161 -13.09 21.89 -4.95
CA THR A 161 -13.52 22.82 -6.03
C THR A 161 -13.01 24.24 -5.73
N GLU A 162 -12.25 24.40 -4.64
CA GLU A 162 -11.79 25.71 -4.09
C GLU A 162 -10.81 26.36 -5.05
N SER A 163 -10.85 27.69 -5.17
CA SER A 163 -9.95 28.51 -6.03
C SER A 163 -10.04 28.06 -7.49
N ASN A 164 -11.17 27.45 -7.89
CA ASN A 164 -11.43 26.93 -9.26
C ASN A 164 -10.37 25.89 -9.63
N CYS A 165 -10.07 24.98 -8.71
CA CYS A 165 -9.13 23.83 -8.92
C CYS A 165 -9.76 22.88 -9.95
N VAL A 166 -8.93 22.16 -10.71
CA VAL A 166 -9.36 21.13 -11.70
C VAL A 166 -9.01 19.74 -11.14
N TYR A 167 -7.87 19.64 -10.45
CA TYR A 167 -7.41 18.41 -9.74
C TYR A 167 -7.09 18.79 -8.28
N SER A 168 -7.28 17.83 -7.35
CA SER A 168 -7.16 18.07 -5.88
C SER A 168 -6.90 16.76 -5.15
N ILE A 169 -5.66 16.56 -4.70
CA ILE A 169 -5.30 15.58 -3.63
C ILE A 169 -5.59 16.22 -2.27
N THR A 170 -6.35 15.52 -1.42
CA THR A 170 -6.82 16.01 -0.11
C THR A 170 -6.63 14.91 0.93
N PHE A 171 -5.84 15.21 1.97
CA PHE A 171 -5.64 14.36 3.16
C PHE A 171 -6.47 14.91 4.31
N ASP A 172 -7.57 14.23 4.66
CA ASP A 172 -8.34 14.48 5.90
C ASP A 172 -7.76 13.59 6.99
N PHE A 173 -7.80 14.04 8.24
CA PHE A 173 -7.32 13.31 9.44
C PHE A 173 -8.31 13.51 10.56
N ALA A 174 -8.62 12.47 11.33
CA ALA A 174 -9.55 12.52 12.48
C ALA A 174 -9.25 11.38 13.44
N TRP A 175 -9.59 11.54 14.73
CA TRP A 175 -9.39 10.52 15.78
C TRP A 175 -10.49 10.58 16.85
N ASN A 176 -10.77 9.42 17.45
CA ASN A 176 -11.77 9.21 18.54
C ASN A 176 -11.07 9.26 19.89
N LYS A 177 -9.83 8.80 19.94
CA LYS A 177 -8.98 8.78 21.16
C LYS A 177 -8.97 10.19 21.75
N THR A 178 -8.93 10.31 23.09
CA THR A 178 -8.66 11.56 23.82
C THR A 178 -7.17 11.62 24.15
N TYR A 179 -6.34 11.99 23.14
CA TYR A 179 -4.86 12.03 23.21
C TYR A 179 -4.40 13.13 24.19
N LYS A 180 -3.42 12.79 25.04
CA LYS A 180 -2.86 13.70 26.08
C LYS A 180 -1.39 13.99 25.73
N ASN A 181 -1.11 15.23 25.32
CA ASN A 181 0.26 15.72 24.97
C ASN A 181 0.85 14.79 23.92
N VAL A 182 0.26 14.77 22.73
CA VAL A 182 0.68 13.89 21.61
C VAL A 182 0.89 14.74 20.37
N PRO A 183 2.14 15.10 20.05
CA PRO A 183 2.43 15.80 18.82
C PRO A 183 1.80 15.04 17.66
N PHE A 184 1.18 15.75 16.71
CA PHE A 184 0.80 15.18 15.40
C PHE A 184 2.07 14.96 14.59
N ASP A 185 2.65 13.77 14.74
CA ASP A 185 3.78 13.24 13.95
C ASP A 185 3.33 11.92 13.32
N SER A 186 2.97 11.93 12.03
CA SER A 186 2.35 10.77 11.35
C SER A 186 3.44 9.81 10.89
N SER A 187 3.17 8.51 10.93
CA SER A 187 3.96 7.45 10.25
C SER A 187 3.80 7.61 8.73
N SER A 188 4.86 7.36 7.97
CA SER A 188 4.84 7.40 6.49
C SER A 188 3.72 6.48 5.98
N LEU A 189 2.90 6.97 5.04
CA LEU A 189 1.76 6.21 4.44
C LEU A 189 2.01 5.99 2.96
N THR A 190 2.00 4.73 2.52
CA THR A 190 2.12 4.35 1.09
C THR A 190 0.73 4.25 0.44
N PHE A 191 0.58 4.77 -0.76
CA PHE A 191 -0.68 4.68 -1.56
C PHE A 191 -0.40 4.98 -3.03
N SER A 192 -1.37 4.64 -3.88
CA SER A 192 -1.34 4.87 -5.35
C SER A 192 -2.71 5.34 -5.84
N TYR A 193 -2.72 6.07 -6.95
CA TYR A 193 -3.94 6.46 -7.68
C TYR A 193 -3.64 6.44 -9.19
N ILE A 194 -4.70 6.42 -10.00
CA ILE A 194 -4.64 6.39 -11.49
C ILE A 194 -4.41 7.82 -11.99
N ALA A 195 -3.57 7.99 -13.02
CA ALA A 195 -3.30 9.33 -13.62
C ALA A 195 -2.85 9.18 -15.08
N GLN A 196 -3.37 10.03 -15.97
CA GLN A 196 -2.97 10.04 -17.40
C GLN A 196 -2.59 11.47 -17.79
N ASP A 197 -1.91 11.61 -18.94
CA ASP A 197 -1.93 12.82 -19.79
C ASP A 197 -1.65 12.40 -21.24
N ALA A 198 -2.12 13.19 -22.21
CA ALA A 198 -1.96 12.97 -23.66
C ALA A 198 -2.25 14.29 -24.41
N GLU A 199 -1.59 14.49 -25.57
CA GLU A 199 -1.75 15.70 -26.42
C GLU A 199 -0.85 15.57 -27.66
N ASP A 200 -0.40 16.71 -28.21
CA ASP A 200 0.41 16.80 -29.46
C ASP A 200 1.56 17.80 -29.25
N ASN B 1 3.30 3.49 -19.52
CA ASN B 1 3.03 3.13 -20.94
C ASN B 1 1.74 2.29 -21.00
N ASP B 2 1.15 2.16 -22.20
CA ASP B 2 -0.17 1.50 -22.43
C ASP B 2 -0.01 -0.02 -22.33
N LYS B 3 1.16 -0.55 -22.75
CA LYS B 3 1.44 -2.01 -22.86
C LYS B 3 1.78 -2.56 -21.47
N LEU B 4 1.95 -1.67 -20.50
CA LEU B 4 2.39 -1.99 -19.11
C LEU B 4 1.22 -1.87 -18.15
N THR B 5 -0.03 -1.78 -18.65
CA THR B 5 -1.25 -1.61 -17.82
C THR B 5 -2.41 -2.42 -18.37
N LEU B 6 -2.58 -3.64 -17.86
CA LEU B 6 -3.83 -4.43 -17.92
C LEU B 6 -4.82 -3.87 -16.89
N TRP B 7 -6.08 -3.74 -17.25
CA TRP B 7 -7.12 -3.09 -16.41
C TRP B 7 -8.51 -3.35 -16.99
N THR B 8 -9.56 -2.90 -16.30
CA THR B 8 -10.86 -2.55 -16.92
C THR B 8 -10.70 -1.15 -17.52
N THR B 9 -11.78 -0.40 -17.73
CA THR B 9 -11.70 1.05 -17.98
C THR B 9 -11.67 1.76 -16.62
N PRO B 10 -11.04 2.96 -16.53
CA PRO B 10 -11.11 3.80 -15.34
C PRO B 10 -12.56 4.03 -14.86
N ASP B 11 -13.48 4.31 -15.80
CA ASP B 11 -14.93 4.47 -15.54
C ASP B 11 -15.69 3.37 -16.26
N PRO B 12 -15.79 2.16 -15.70
CA PRO B 12 -16.36 1.03 -16.40
C PRO B 12 -17.90 0.99 -16.30
N SER B 13 -18.55 0.59 -17.39
CA SER B 13 -19.96 0.13 -17.44
C SER B 13 -20.07 -1.22 -16.72
N PRO B 14 -21.29 -1.58 -16.23
CA PRO B 14 -21.44 -2.78 -15.40
C PRO B 14 -20.79 -4.01 -16.05
N ASN B 15 -19.75 -4.55 -15.41
CA ASN B 15 -18.83 -5.54 -16.03
C ASN B 15 -18.48 -6.65 -15.03
N CYS B 16 -19.23 -6.77 -13.94
CA CYS B 16 -18.93 -7.72 -12.84
C CYS B 16 -20.22 -8.34 -12.28
N LYS B 17 -20.25 -9.66 -12.16
CA LYS B 17 -21.26 -10.42 -11.38
C LYS B 17 -20.79 -10.53 -9.94
N VAL B 18 -21.64 -10.15 -8.99
CA VAL B 18 -21.40 -10.31 -7.52
C VAL B 18 -22.40 -11.35 -6.99
N SER B 19 -23.70 -11.13 -7.24
CA SER B 19 -24.81 -12.04 -6.86
C SER B 19 -25.62 -12.45 -8.09
N GLU B 20 -25.63 -11.60 -9.13
CA GLU B 20 -26.22 -11.88 -10.47
C GLU B 20 -25.39 -11.18 -11.53
N GLU B 21 -25.78 -11.29 -12.80
CA GLU B 21 -24.96 -10.85 -13.97
C GLU B 21 -24.88 -9.32 -13.98
N LYS B 22 -23.73 -8.77 -14.37
CA LYS B 22 -23.50 -7.31 -14.58
C LYS B 22 -24.31 -6.50 -13.54
N ASP B 23 -24.13 -6.81 -12.25
CA ASP B 23 -24.89 -6.19 -11.12
C ASP B 23 -23.95 -5.25 -10.35
N SER B 24 -22.78 -4.94 -10.93
CA SER B 24 -21.71 -4.16 -10.27
C SER B 24 -20.64 -3.74 -11.28
N LYS B 25 -20.13 -2.52 -11.14
CA LYS B 25 -18.91 -2.04 -11.83
C LYS B 25 -17.71 -2.28 -10.92
N LEU B 26 -16.76 -3.10 -11.37
CA LEU B 26 -15.46 -3.31 -10.70
C LEU B 26 -14.37 -2.60 -11.49
N THR B 27 -13.74 -1.60 -10.87
CA THR B 27 -12.56 -0.86 -11.40
C THR B 27 -11.31 -1.54 -10.86
N LEU B 28 -10.48 -2.11 -11.76
CA LEU B 28 -9.19 -2.78 -11.42
C LEU B 28 -8.11 -2.35 -12.43
N VAL B 29 -6.95 -1.92 -11.94
CA VAL B 29 -5.81 -1.40 -12.75
C VAL B 29 -4.54 -2.10 -12.29
N LEU B 30 -3.96 -2.96 -13.15
CA LEU B 30 -2.65 -3.61 -12.93
C LEU B 30 -1.59 -2.86 -13.74
N THR B 31 -0.69 -2.14 -13.06
CA THR B 31 0.52 -1.50 -13.64
C THR B 31 1.76 -2.29 -13.20
N LYS B 32 2.62 -2.64 -14.16
CA LYS B 32 3.76 -3.57 -13.94
C LYS B 32 5.03 -2.74 -13.68
N CYS B 33 5.19 -2.28 -12.44
CA CYS B 33 6.45 -1.81 -11.80
C CYS B 33 7.44 -2.99 -11.69
N GLY B 34 8.46 -3.07 -12.55
CA GLY B 34 9.45 -4.17 -12.55
C GLY B 34 8.80 -5.54 -12.41
N SER B 35 9.34 -6.40 -11.54
CA SER B 35 8.93 -7.83 -11.34
C SER B 35 7.68 -7.90 -10.44
N GLN B 36 7.25 -6.78 -9.86
CA GLN B 36 6.03 -6.68 -9.02
C GLN B 36 4.88 -6.07 -9.85
N ILE B 37 3.64 -6.23 -9.38
CA ILE B 37 2.43 -5.60 -9.97
C ILE B 37 1.83 -4.64 -8.95
N LEU B 38 1.75 -3.34 -9.29
CA LEU B 38 0.98 -2.31 -8.54
C LEU B 38 -0.47 -2.31 -9.04
N ALA B 39 -1.42 -2.33 -8.13
CA ALA B 39 -2.86 -2.45 -8.42
C ALA B 39 -3.66 -1.59 -7.44
N SER B 40 -4.61 -0.80 -7.95
CA SER B 40 -5.76 -0.24 -7.19
C SER B 40 -7.06 -0.88 -7.68
N VAL B 41 -8.09 -0.87 -6.85
CA VAL B 41 -9.36 -1.62 -7.08
C VAL B 41 -10.48 -1.02 -6.21
N SER B 42 -11.56 -0.60 -6.86
CA SER B 42 -12.83 -0.20 -6.20
C SER B 42 -13.96 -1.09 -6.74
N LEU B 43 -14.96 -1.35 -5.93
CA LEU B 43 -16.17 -2.10 -6.32
C LEU B 43 -17.40 -1.26 -5.98
N LEU B 44 -18.33 -1.18 -6.93
CA LEU B 44 -19.63 -0.47 -6.82
C LEU B 44 -20.75 -1.39 -7.31
N VAL B 45 -21.60 -1.84 -6.39
CA VAL B 45 -22.77 -2.71 -6.69
C VAL B 45 -23.99 -1.80 -6.99
N VAL B 46 -24.50 -1.91 -8.22
CA VAL B 46 -25.49 -0.97 -8.81
C VAL B 46 -26.90 -1.55 -8.64
N LYS B 47 -27.03 -2.87 -8.53
CA LYS B 47 -28.33 -3.55 -8.42
C LYS B 47 -28.16 -4.88 -7.69
N GLY B 48 -29.25 -5.33 -7.05
CA GLY B 48 -29.35 -6.66 -6.43
C GLY B 48 -29.00 -6.62 -4.96
N LYS B 49 -28.48 -7.74 -4.44
CA LYS B 49 -28.39 -8.04 -3.00
C LYS B 49 -27.73 -6.87 -2.28
N PHE B 50 -26.59 -6.41 -2.79
CA PHE B 50 -25.60 -5.58 -2.05
C PHE B 50 -25.62 -4.12 -2.55
N ALA B 51 -26.60 -3.77 -3.39
CA ALA B 51 -26.74 -2.42 -4.00
C ALA B 51 -27.19 -1.41 -2.93
N ASN B 52 -27.97 -1.89 -1.96
CA ASN B 52 -28.34 -1.14 -0.72
C ASN B 52 -28.43 -2.14 0.44
N ILE B 53 -27.27 -2.43 1.06
CA ILE B 53 -27.11 -3.40 2.19
C ILE B 53 -28.01 -2.96 3.34
N ASN B 54 -28.85 -3.85 3.84
CA ASN B 54 -29.53 -3.73 5.15
C ASN B 54 -29.54 -5.06 5.88
N ASN B 55 -28.83 -5.15 7.01
CA ASN B 55 -28.67 -6.38 7.83
C ASN B 55 -29.60 -6.31 9.05
N GLU B 56 -30.33 -5.20 9.21
CA GLU B 56 -31.44 -5.09 10.19
C GLU B 56 -32.53 -6.09 9.81
N THR B 57 -32.92 -6.09 8.53
CA THR B 57 -34.02 -6.93 7.96
C THR B 57 -33.43 -8.21 7.34
N ASN B 58 -32.12 -8.23 7.05
CA ASN B 58 -31.40 -9.40 6.48
C ASN B 58 -30.19 -9.73 7.35
N PRO B 59 -30.38 -10.22 8.60
CA PRO B 59 -29.26 -10.50 9.50
C PRO B 59 -28.38 -11.68 9.03
N GLY B 60 -28.91 -12.52 8.13
CA GLY B 60 -28.25 -13.76 7.66
C GLY B 60 -26.86 -13.49 7.10
N GLU B 61 -25.94 -14.45 7.27
CA GLU B 61 -24.49 -14.31 6.91
C GLU B 61 -24.36 -14.10 5.39
N ASP B 62 -25.17 -14.80 4.59
CA ASP B 62 -25.12 -14.74 3.10
C ASP B 62 -25.28 -13.28 2.65
N TYR B 63 -25.82 -12.41 3.52
CA TYR B 63 -26.09 -10.96 3.25
C TYR B 63 -25.00 -10.06 3.87
N LYS B 64 -24.00 -10.63 4.54
CA LYS B 64 -22.94 -9.88 5.29
C LYS B 64 -21.54 -10.17 4.70
N LYS B 65 -21.47 -10.80 3.52
CA LYS B 65 -20.20 -11.18 2.88
C LYS B 65 -20.45 -11.68 1.46
N PHE B 66 -19.44 -11.58 0.60
CA PHE B 66 -19.44 -12.08 -0.78
C PHE B 66 -17.99 -12.10 -1.29
N SER B 67 -17.78 -12.66 -2.48
CA SER B 67 -16.45 -12.90 -3.08
C SER B 67 -16.52 -12.70 -4.58
N VAL B 68 -15.49 -12.08 -5.16
CA VAL B 68 -15.36 -11.80 -6.62
C VAL B 68 -14.06 -12.44 -7.13
N LYS B 69 -14.18 -13.36 -8.10
CA LYS B 69 -13.08 -14.20 -8.63
C LYS B 69 -12.72 -13.70 -10.03
N LEU B 70 -11.42 -13.59 -10.33
CA LEU B 70 -10.88 -13.50 -11.70
C LEU B 70 -10.08 -14.76 -12.00
N LEU B 71 -10.53 -15.58 -12.96
CA LEU B 71 -9.91 -16.88 -13.35
C LEU B 71 -9.11 -16.70 -14.64
N PHE B 72 -7.88 -17.20 -14.68
CA PHE B 72 -6.92 -17.04 -15.83
C PHE B 72 -6.38 -18.42 -16.25
N ASP B 73 -6.06 -18.58 -17.54
CA ASP B 73 -5.38 -19.77 -18.12
C ASP B 73 -3.86 -19.52 -18.18
N ALA B 74 -3.08 -20.51 -18.65
CA ALA B 74 -1.59 -20.49 -18.68
C ALA B 74 -1.08 -19.31 -19.52
N ASN B 75 -1.88 -18.83 -20.48
CA ASN B 75 -1.59 -17.61 -21.28
C ASN B 75 -1.96 -16.37 -20.47
N GLY B 76 -2.86 -16.52 -19.50
CA GLY B 76 -3.30 -15.43 -18.62
C GLY B 76 -4.55 -14.73 -19.15
N LYS B 77 -5.29 -15.40 -20.02
CA LYS B 77 -6.61 -14.95 -20.51
C LYS B 77 -7.65 -15.19 -19.40
N LEU B 78 -8.60 -14.28 -19.25
CA LEU B 78 -9.74 -14.47 -18.31
C LEU B 78 -10.66 -15.58 -18.83
N LEU B 79 -11.05 -16.50 -17.94
CA LEU B 79 -11.94 -17.65 -18.21
C LEU B 79 -13.38 -17.31 -17.85
N THR B 80 -14.33 -18.14 -18.27
CA THR B 80 -15.79 -17.84 -18.18
C THR B 80 -16.21 -17.79 -16.71
N GLY B 81 -15.70 -18.69 -15.86
CA GLY B 81 -16.12 -18.81 -14.44
C GLY B 81 -15.87 -17.52 -13.67
N SER B 82 -15.16 -16.57 -14.28
CA SER B 82 -14.78 -15.27 -13.69
C SER B 82 -16.04 -14.46 -13.35
N SER B 83 -16.01 -13.71 -12.24
CA SER B 83 -17.05 -12.72 -11.85
C SER B 83 -17.02 -11.55 -12.84
N LEU B 84 -15.88 -11.32 -13.50
CA LEU B 84 -15.62 -10.14 -14.37
C LEU B 84 -15.85 -10.52 -15.85
N ASP B 85 -16.79 -9.83 -16.52
CA ASP B 85 -16.96 -9.84 -17.99
C ASP B 85 -15.67 -9.34 -18.65
N GLY B 86 -15.28 -9.94 -19.77
CA GLY B 86 -13.96 -9.76 -20.37
C GLY B 86 -13.98 -8.85 -21.58
N ASN B 87 -15.15 -8.33 -21.95
CA ASN B 87 -15.32 -7.40 -23.10
C ASN B 87 -14.37 -6.21 -22.92
N TYR B 88 -14.49 -5.53 -21.77
CA TYR B 88 -13.78 -4.27 -21.45
C TYR B 88 -12.72 -4.56 -20.38
N TRP B 89 -12.00 -5.67 -20.53
CA TRP B 89 -10.78 -6.03 -19.74
C TRP B 89 -9.61 -6.34 -20.69
N ASN B 90 -8.66 -5.41 -20.81
CA ASN B 90 -7.59 -5.42 -21.85
C ASN B 90 -6.51 -4.40 -21.46
N TYR B 91 -5.50 -4.22 -22.33
CA TYR B 91 -4.40 -3.23 -22.17
C TYR B 91 -4.95 -1.83 -22.47
N LYS B 92 -4.34 -0.81 -21.86
CA LYS B 92 -4.84 0.59 -21.84
C LYS B 92 -4.63 1.23 -23.23
N ASN B 93 -5.51 2.15 -23.62
CA ASN B 93 -5.32 3.09 -24.74
C ASN B 93 -6.15 4.37 -24.48
N LYS B 94 -5.49 5.46 -24.09
CA LYS B 94 -6.10 6.62 -23.36
C LYS B 94 -6.94 6.07 -22.20
N ASP B 95 -8.13 6.62 -21.97
CA ASP B 95 -8.99 6.25 -20.80
C ASP B 95 -9.83 5.03 -21.18
N SER B 96 -9.52 4.40 -22.32
CA SER B 96 -10.28 3.30 -22.96
C SER B 96 -9.39 2.05 -23.10
N VAL B 97 -9.62 1.23 -24.12
CA VAL B 97 -9.06 -0.14 -24.26
C VAL B 97 -8.57 -0.34 -25.70
N ILE B 98 -7.62 -1.27 -25.89
CA ILE B 98 -6.91 -1.56 -27.17
C ILE B 98 -7.88 -2.32 -28.10
N GLY B 99 -7.70 -2.16 -29.42
CA GLY B 99 -8.64 -2.61 -30.47
C GLY B 99 -8.91 -4.11 -30.40
N SER B 100 -7.85 -4.94 -30.46
CA SER B 100 -7.92 -6.42 -30.43
C SER B 100 -7.95 -6.91 -28.98
N PRO B 101 -8.64 -8.03 -28.66
CA PRO B 101 -8.44 -8.71 -27.39
C PRO B 101 -6.99 -9.22 -27.25
N TYR B 102 -6.49 -9.38 -26.02
CA TYR B 102 -5.06 -9.67 -25.72
C TYR B 102 -4.80 -11.18 -25.82
N GLU B 103 -3.70 -11.56 -26.49
CA GLU B 103 -3.32 -12.98 -26.75
C GLU B 103 -2.62 -13.53 -25.51
N ASN B 104 -1.58 -12.83 -25.02
CA ASN B 104 -0.75 -13.24 -23.86
C ASN B 104 -0.75 -12.12 -22.80
N ALA B 105 -0.78 -12.50 -21.52
CA ALA B 105 -0.73 -11.58 -20.36
C ALA B 105 -0.25 -12.31 -19.10
N VAL B 106 0.81 -13.12 -19.22
CA VAL B 106 1.47 -13.85 -18.09
C VAL B 106 2.21 -12.84 -17.22
N PRO B 107 3.00 -11.89 -17.80
CA PRO B 107 3.77 -10.94 -16.99
C PRO B 107 2.97 -10.31 -15.84
N PHE B 108 1.64 -10.35 -15.92
CA PHE B 108 0.70 -9.66 -15.01
C PHE B 108 0.10 -10.65 -14.00
N MET B 109 0.29 -11.96 -14.20
CA MET B 109 -0.29 -13.02 -13.34
C MET B 109 0.54 -13.11 -12.07
N PRO B 110 -0.07 -13.46 -10.91
CA PRO B 110 0.71 -13.72 -9.69
C PRO B 110 1.73 -14.85 -9.88
N ASN B 111 2.88 -14.75 -9.22
CA ASN B 111 3.98 -15.75 -9.30
C ASN B 111 3.51 -17.08 -8.71
N SER B 112 3.54 -18.14 -9.52
CA SER B 112 3.03 -19.48 -9.16
C SER B 112 4.13 -20.27 -8.43
N THR B 113 5.28 -19.64 -8.19
CA THR B 113 6.33 -20.13 -7.25
C THR B 113 6.11 -19.49 -5.88
N ALA B 114 5.83 -18.19 -5.86
CA ALA B 114 5.55 -17.41 -4.63
C ALA B 114 4.17 -17.78 -4.09
N TYR B 115 3.18 -17.85 -4.98
CA TYR B 115 1.76 -18.16 -4.69
C TYR B 115 1.38 -19.43 -5.44
N PRO B 116 1.90 -20.61 -5.06
CA PRO B 116 1.60 -21.85 -5.77
C PRO B 116 0.12 -22.24 -5.64
N LYS B 117 -0.44 -22.85 -6.70
CA LYS B 117 -1.90 -23.09 -6.87
C LYS B 117 -2.36 -24.04 -5.77
N ILE B 118 -1.88 -25.28 -5.80
CA ILE B 118 -2.21 -26.36 -4.84
C ILE B 118 -1.78 -25.91 -3.45
N ILE B 119 -2.55 -26.30 -2.42
CA ILE B 119 -2.16 -26.14 -0.98
C ILE B 119 -2.00 -27.53 -0.35
N ASN B 120 -0.94 -27.71 0.48
CA ASN B 120 -0.65 -28.95 1.24
C ASN B 120 -1.42 -28.91 2.57
N ASN B 121 -2.16 -29.98 2.89
CA ASN B 121 -3.02 -30.09 4.11
C ASN B 121 -2.57 -31.28 4.96
N GLY B 122 -2.82 -31.21 6.27
CA GLY B 122 -2.45 -32.23 7.26
C GLY B 122 -1.05 -32.00 7.81
N THR B 123 -0.07 -32.80 7.38
CA THR B 123 1.31 -32.84 7.92
C THR B 123 2.07 -31.57 7.52
N ALA B 124 3.12 -31.24 8.27
CA ALA B 124 4.02 -30.10 8.03
C ALA B 124 5.34 -30.30 8.79
N ASN B 125 6.21 -31.16 8.26
CA ASN B 125 7.63 -31.29 8.68
C ASN B 125 8.45 -30.29 7.85
N PRO B 126 8.77 -30.57 6.56
CA PRO B 126 9.37 -29.54 5.69
C PRO B 126 8.66 -28.18 5.80
N GLU B 127 7.34 -28.16 5.55
CA GLU B 127 6.45 -26.97 5.57
C GLU B 127 6.78 -26.02 4.40
N ASP B 128 7.27 -26.54 3.28
CA ASP B 128 7.97 -25.74 2.22
C ASP B 128 6.94 -25.04 1.31
N LYS B 129 5.87 -25.75 0.92
CA LYS B 129 4.68 -25.15 0.24
C LYS B 129 3.76 -24.57 1.31
N LYS B 130 3.97 -24.93 2.58
CA LYS B 130 3.08 -24.59 3.71
C LYS B 130 3.21 -23.09 4.02
N SER B 131 2.69 -22.23 3.13
CA SER B 131 2.12 -20.91 3.48
C SER B 131 0.79 -20.72 2.77
N ALA B 132 -0.28 -20.57 3.53
CA ALA B 132 -1.59 -20.04 3.06
C ALA B 132 -1.52 -18.51 3.00
N ALA B 133 -0.95 -17.88 4.04
CA ALA B 133 -0.98 -16.44 4.30
C ALA B 133 -0.21 -15.67 3.24
N LYS B 134 0.97 -16.16 2.83
CA LYS B 134 1.83 -15.56 1.77
C LYS B 134 0.95 -15.12 0.59
N LYS B 135 -0.05 -15.94 0.21
CA LYS B 135 -0.88 -15.79 -1.02
C LYS B 135 -2.00 -14.78 -0.76
N THR B 136 -1.98 -14.16 0.42
CA THR B 136 -3.10 -13.39 1.01
C THR B 136 -2.65 -11.95 1.26
N ILE B 137 -3.51 -10.98 0.96
CA ILE B 137 -3.48 -9.61 1.54
C ILE B 137 -4.80 -9.37 2.29
N VAL B 138 -4.74 -9.30 3.63
CA VAL B 138 -5.91 -8.90 4.46
C VAL B 138 -5.74 -7.44 4.90
N THR B 139 -6.80 -6.67 4.70
CA THR B 139 -6.87 -5.21 4.92
C THR B 139 -8.34 -4.84 5.09
N ASN B 140 -8.70 -3.56 4.98
CA ASN B 140 -10.10 -3.07 4.97
C ASN B 140 -10.27 -2.07 3.84
N VAL B 141 -11.41 -2.12 3.18
CA VAL B 141 -11.98 -0.96 2.43
C VAL B 141 -13.13 -0.38 3.25
N TYR B 142 -13.60 0.79 2.85
CA TYR B 142 -14.54 1.64 3.62
C TYR B 142 -15.66 2.10 2.70
N LEU B 143 -16.86 1.58 2.94
CA LEU B 143 -18.04 1.85 2.08
C LEU B 143 -18.38 3.35 2.13
N GLY B 144 -18.49 3.97 0.95
CA GLY B 144 -18.88 5.38 0.80
C GLY B 144 -17.72 6.31 1.07
N GLY B 145 -16.54 5.75 1.33
CA GLY B 145 -15.37 6.51 1.83
C GLY B 145 -15.58 7.03 3.26
N ASP B 146 -16.53 6.45 3.99
CA ASP B 146 -16.78 6.72 5.44
C ASP B 146 -15.92 5.77 6.28
N ALA B 147 -15.14 6.31 7.21
CA ALA B 147 -14.19 5.56 8.07
C ALA B 147 -14.95 4.72 9.10
N GLY B 148 -16.25 4.94 9.25
CA GLY B 148 -17.09 4.19 10.20
C GLY B 148 -17.73 2.97 9.55
N GLN B 149 -17.39 2.69 8.26
CA GLN B 149 -18.08 1.67 7.43
C GLN B 149 -17.04 0.71 6.84
N PRO B 150 -16.31 -0.04 7.71
CA PRO B 150 -15.28 -0.99 7.26
C PRO B 150 -15.82 -2.32 6.70
N VAL B 151 -15.26 -2.73 5.56
CA VAL B 151 -15.37 -4.12 5.04
C VAL B 151 -13.98 -4.77 5.10
N ALA B 152 -13.86 -5.88 5.84
CA ALA B 152 -12.69 -6.78 5.81
C ALA B 152 -12.49 -7.29 4.38
N THR B 153 -11.36 -6.95 3.77
CA THR B 153 -11.04 -7.22 2.35
C THR B 153 -9.83 -8.16 2.28
N THR B 154 -9.98 -9.26 1.55
CA THR B 154 -8.96 -10.33 1.41
C THR B 154 -8.71 -10.56 -0.07
N VAL B 155 -7.63 -9.99 -0.59
CA VAL B 155 -7.02 -10.38 -1.90
C VAL B 155 -6.30 -11.73 -1.71
N SER B 156 -6.57 -12.69 -2.60
CA SER B 156 -5.90 -14.00 -2.67
C SER B 156 -5.33 -14.21 -4.09
N PHE B 157 -4.18 -14.85 -4.19
CA PHE B 157 -3.49 -15.16 -5.47
C PHE B 157 -3.46 -16.68 -5.69
N ASN B 158 -3.84 -17.10 -6.90
CA ASN B 158 -3.85 -18.51 -7.33
C ASN B 158 -4.50 -19.37 -6.23
N LYS B 159 -5.57 -18.84 -5.62
CA LYS B 159 -6.41 -19.53 -4.59
C LYS B 159 -7.37 -20.50 -5.29
N GLU B 160 -7.97 -20.04 -6.38
CA GLU B 160 -9.12 -20.68 -7.04
C GLU B 160 -8.62 -21.81 -7.94
N THR B 161 -9.51 -22.73 -8.30
CA THR B 161 -9.23 -23.95 -9.09
C THR B 161 -10.24 -24.10 -10.22
N GLU B 162 -11.24 -23.20 -10.26
CA GLU B 162 -12.48 -23.35 -11.04
C GLU B 162 -12.17 -23.17 -12.52
N SER B 163 -12.88 -23.90 -13.39
CA SER B 163 -12.79 -23.81 -14.86
C SER B 163 -11.35 -24.10 -15.33
N ASN B 164 -10.60 -24.90 -14.56
CA ASN B 164 -9.19 -25.28 -14.85
C ASN B 164 -8.33 -24.03 -14.96
N CYS B 165 -8.47 -23.09 -14.02
CA CYS B 165 -7.64 -21.88 -13.92
C CYS B 165 -6.22 -22.27 -13.55
N VAL B 166 -5.23 -21.49 -14.00
CA VAL B 166 -3.79 -21.65 -13.62
C VAL B 166 -3.41 -20.51 -12.66
N TYR B 167 -3.94 -19.31 -12.89
CA TYR B 167 -3.78 -18.10 -12.04
C TYR B 167 -5.18 -17.57 -11.66
N SER B 168 -5.31 -16.95 -10.49
CA SER B 168 -6.60 -16.47 -9.91
C SER B 168 -6.36 -15.37 -8.88
N ILE B 169 -6.65 -14.13 -9.24
CA ILE B 169 -6.89 -12.99 -8.30
C ILE B 169 -8.33 -13.11 -7.76
N THR B 170 -8.49 -13.08 -6.42
CA THR B 170 -9.78 -13.26 -5.71
C THR B 170 -9.90 -12.23 -4.59
N PHE B 171 -10.92 -11.38 -4.68
CA PHE B 171 -11.29 -10.39 -3.63
C PHE B 171 -12.51 -10.91 -2.87
N ASP B 172 -12.29 -11.36 -1.63
CA ASP B 172 -13.36 -11.65 -0.63
C ASP B 172 -13.68 -10.36 0.15
N PHE B 173 -14.93 -10.19 0.56
CA PHE B 173 -15.39 -9.02 1.36
C PHE B 173 -16.39 -9.51 2.42
N ALA B 174 -16.25 -9.04 3.66
CA ALA B 174 -17.12 -9.44 4.80
C ALA B 174 -17.15 -8.32 5.84
N TRP B 175 -18.23 -8.25 6.63
CA TRP B 175 -18.41 -7.19 7.67
C TRP B 175 -19.22 -7.71 8.86
N ASN B 176 -18.93 -7.17 10.05
CA ASN B 176 -19.56 -7.52 11.36
C ASN B 176 -20.69 -6.54 11.66
N LYS B 177 -20.51 -5.29 11.22
CA LYS B 177 -21.50 -4.19 11.41
C LYS B 177 -22.85 -4.69 10.90
N THR B 178 -23.95 -4.25 11.52
CA THR B 178 -25.32 -4.38 10.98
C THR B 178 -25.66 -3.09 10.22
N TYR B 179 -25.17 -2.97 8.98
CA TYR B 179 -25.33 -1.78 8.10
C TYR B 179 -26.81 -1.60 7.70
N LYS B 180 -27.32 -0.37 7.78
CA LYS B 180 -28.72 0.01 7.45
C LYS B 180 -28.70 0.92 6.23
N ASN B 181 -29.18 0.42 5.09
CA ASN B 181 -29.30 1.16 3.81
C ASN B 181 -27.92 1.73 3.46
N VAL B 182 -26.97 0.86 3.19
CA VAL B 182 -25.57 1.23 2.86
C VAL B 182 -25.18 0.57 1.55
N PRO B 183 -25.22 1.31 0.43
CA PRO B 183 -24.71 0.80 -0.83
C PRO B 183 -23.31 0.24 -0.62
N PHE B 184 -23.00 -0.93 -1.17
CA PHE B 184 -21.61 -1.41 -1.30
C PHE B 184 -20.90 -0.57 -2.34
N ASP B 185 -20.28 0.52 -1.90
CA ASP B 185 -19.36 1.37 -2.69
C ASP B 185 -18.01 1.44 -1.94
N SER B 186 -17.03 0.67 -2.39
CA SER B 186 -15.73 0.49 -1.68
C SER B 186 -14.81 1.66 -2.02
N SER B 187 -14.00 2.09 -1.07
CA SER B 187 -12.86 3.01 -1.29
C SER B 187 -11.78 2.27 -2.09
N SER B 188 -11.11 2.95 -3.00
CA SER B 188 -10.03 2.36 -3.83
C SER B 188 -8.95 1.81 -2.89
N LEU B 189 -8.45 0.60 -3.17
CA LEU B 189 -7.42 -0.11 -2.38
C LEU B 189 -6.14 -0.27 -3.21
N THR B 190 -5.01 0.21 -2.71
CA THR B 190 -3.68 0.03 -3.35
C THR B 190 -3.00 -1.22 -2.78
N PHE B 191 -2.41 -2.04 -3.66
CA PHE B 191 -1.70 -3.27 -3.27
C PHE B 191 -0.77 -3.71 -4.40
N SER B 192 0.17 -4.60 -4.07
CA SER B 192 1.15 -5.18 -5.02
C SER B 192 1.29 -6.68 -4.74
N TYR B 193 1.65 -7.43 -5.75
CA TYR B 193 2.03 -8.86 -5.65
C TYR B 193 3.20 -9.11 -6.60
N ILE B 194 3.90 -10.23 -6.39
CA ILE B 194 5.05 -10.69 -7.22
C ILE B 194 4.49 -11.34 -8.48
N ALA B 195 5.10 -11.07 -9.63
CA ALA B 195 4.51 -11.38 -10.95
C ALA B 195 5.08 -12.71 -11.46
N GLN B 196 4.88 -12.99 -12.75
CA GLN B 196 5.57 -14.06 -13.49
C GLN B 196 6.43 -13.43 -14.60
N ASP B 197 7.33 -14.23 -15.19
CA ASP B 197 8.21 -13.81 -16.33
C ASP B 197 7.61 -14.38 -17.62
N ALA B 198 8.44 -14.75 -18.62
CA ALA B 198 8.00 -15.22 -19.95
C ALA B 198 9.06 -16.12 -20.61
N GLU B 199 9.34 -17.28 -19.97
CA GLU B 199 10.34 -18.29 -20.44
C GLU B 199 11.75 -17.68 -20.35
N ASP B 200 12.55 -17.81 -21.42
CA ASP B 200 13.73 -16.95 -21.72
C ASP B 200 13.42 -16.11 -22.96
N LYS B 201 13.27 -16.79 -24.11
CA LYS B 201 13.14 -16.17 -25.46
C LYS B 201 12.14 -16.99 -26.30
N ASN C 1 17.57 -11.12 -14.56
CA ASN C 1 18.50 -10.37 -15.46
C ASN C 1 18.25 -8.85 -15.33
N ASP C 2 17.04 -8.46 -14.88
CA ASP C 2 16.70 -7.06 -14.52
C ASP C 2 17.41 -6.71 -13.21
N LYS C 3 18.12 -5.57 -13.20
CA LYS C 3 19.03 -5.16 -12.10
C LYS C 3 18.24 -4.33 -11.08
N LEU C 4 16.92 -4.29 -11.21
CA LEU C 4 16.04 -3.28 -10.55
C LEU C 4 15.19 -3.95 -9.46
N THR C 5 15.57 -5.17 -9.04
CA THR C 5 14.85 -5.94 -8.00
C THR C 5 15.85 -6.69 -7.11
N LEU C 6 16.20 -6.10 -5.99
CA LEU C 6 16.83 -6.77 -4.83
C LEU C 6 15.74 -7.49 -4.03
N TRP C 7 16.01 -8.72 -3.59
CA TRP C 7 15.01 -9.61 -2.93
C TRP C 7 15.69 -10.82 -2.29
N THR C 8 14.91 -11.65 -1.59
CA THR C 8 15.18 -13.09 -1.37
C THR C 8 14.82 -13.82 -2.67
N THR C 9 14.54 -15.12 -2.62
CA THR C 9 13.81 -15.81 -3.71
C THR C 9 12.31 -15.67 -3.42
N PRO C 10 11.45 -15.69 -4.46
CA PRO C 10 10.00 -15.77 -4.28
C PRO C 10 9.55 -16.90 -3.34
N ASP C 11 10.13 -18.10 -3.53
CA ASP C 11 9.92 -19.29 -2.65
C ASP C 11 11.23 -19.64 -1.97
N PRO C 12 11.58 -18.97 -0.87
CA PRO C 12 12.89 -19.12 -0.25
C PRO C 12 12.95 -20.32 0.69
N SER C 13 14.08 -21.02 0.71
CA SER C 13 14.50 -21.98 1.77
C SER C 13 14.82 -21.19 3.05
N PRO C 14 14.74 -21.84 4.24
CA PRO C 14 14.90 -21.14 5.51
C PRO C 14 16.15 -20.23 5.49
N ASN C 15 15.95 -18.91 5.59
CA ASN C 15 16.99 -17.90 5.32
C ASN C 15 16.91 -16.76 6.34
N CYS C 16 16.18 -16.94 7.45
CA CYS C 16 15.92 -15.88 8.45
C CYS C 16 15.94 -16.45 9.88
N LYS C 17 16.68 -15.80 10.78
CA LYS C 17 16.62 -15.99 12.25
C LYS C 17 15.52 -15.11 12.82
N VAL C 18 14.61 -15.70 13.60
CA VAL C 18 13.57 -14.94 14.36
C VAL C 18 13.86 -15.09 15.85
N SER C 19 13.96 -16.34 16.33
CA SER C 19 14.21 -16.71 17.74
C SER C 19 15.41 -17.68 17.82
N GLU C 20 15.74 -18.34 16.72
CA GLU C 20 16.94 -19.20 16.57
C GLU C 20 17.52 -19.00 15.16
N GLU C 21 18.55 -19.76 14.80
CA GLU C 21 19.12 -19.86 13.43
C GLU C 21 18.06 -20.46 12.50
N LYS C 22 18.04 -20.04 11.22
CA LYS C 22 17.19 -20.64 10.13
C LYS C 22 15.83 -21.05 10.73
N ASP C 23 15.16 -20.10 11.35
CA ASP C 23 13.91 -20.25 12.14
C ASP C 23 12.69 -20.26 11.23
N SER C 24 12.85 -19.69 10.04
CA SER C 24 11.80 -18.96 9.32
C SER C 24 12.24 -18.63 7.90
N LYS C 25 11.33 -18.77 6.93
CA LYS C 25 11.46 -18.23 5.56
C LYS C 25 10.85 -16.83 5.53
N LEU C 26 11.68 -15.83 5.23
CA LEU C 26 11.25 -14.44 4.98
C LEU C 26 11.33 -14.17 3.48
N THR C 27 10.18 -13.93 2.85
CA THR C 27 10.07 -13.43 1.46
C THR C 27 10.01 -11.90 1.49
N LEU C 28 11.02 -11.24 0.93
CA LEU C 28 11.10 -9.76 0.79
C LEU C 28 11.56 -9.41 -0.62
N VAL C 29 10.81 -8.53 -1.30
CA VAL C 29 11.05 -8.13 -2.72
C VAL C 29 11.04 -6.60 -2.81
N LEU C 30 12.21 -6.00 -3.06
CA LEU C 30 12.37 -4.55 -3.31
C LEU C 30 12.45 -4.31 -4.81
N THR C 31 11.43 -3.70 -5.40
CA THR C 31 11.39 -3.21 -6.81
C THR C 31 11.50 -1.70 -6.81
N LYS C 32 12.44 -1.14 -7.56
CA LYS C 32 12.77 0.30 -7.54
C LYS C 32 12.00 1.02 -8.66
N CYS C 33 10.74 1.38 -8.41
CA CYS C 33 10.02 2.36 -9.28
C CYS C 33 10.49 3.77 -8.92
N GLY C 34 11.20 4.39 -9.86
CA GLY C 34 11.76 5.75 -9.72
C GLY C 34 12.53 5.88 -8.42
N SER C 35 12.37 7.01 -7.73
CA SER C 35 13.14 7.39 -6.52
C SER C 35 12.59 6.67 -5.29
N GLN C 36 11.44 6.00 -5.42
CA GLN C 36 10.80 5.23 -4.32
C GLN C 36 11.12 3.74 -4.48
N ILE C 37 10.94 2.96 -3.41
CA ILE C 37 11.09 1.48 -3.41
C ILE C 37 9.73 0.86 -3.06
N LEU C 38 9.17 0.07 -3.98
CA LEU C 38 7.97 -0.78 -3.73
C LEU C 38 8.43 -2.14 -3.20
N ALA C 39 7.81 -2.60 -2.12
CA ALA C 39 8.19 -3.83 -1.40
C ALA C 39 6.93 -4.56 -0.94
N SER C 40 6.86 -5.87 -1.19
CA SER C 40 5.98 -6.81 -0.45
C SER C 40 6.85 -7.74 0.40
N VAL C 41 6.26 -8.32 1.44
CA VAL C 41 6.99 -9.09 2.49
C VAL C 41 6.00 -10.01 3.21
N SER C 42 6.29 -11.30 3.21
CA SER C 42 5.63 -12.32 4.06
C SER C 42 6.69 -12.95 4.97
N LEU C 43 6.28 -13.38 6.16
CA LEU C 43 7.14 -14.13 7.10
C LEU C 43 6.42 -15.44 7.48
N LEU C 44 7.15 -16.54 7.44
CA LEU C 44 6.68 -17.89 7.83
C LEU C 44 7.72 -18.51 8.77
N VAL C 45 7.37 -18.65 10.05
CA VAL C 45 8.23 -19.29 11.09
C VAL C 45 7.92 -20.80 11.09
N VAL C 46 8.92 -21.61 10.76
CA VAL C 46 8.76 -23.05 10.43
C VAL C 46 9.09 -23.88 11.65
N LYS C 47 9.92 -23.34 12.56
CA LYS C 47 10.38 -24.06 13.78
C LYS C 47 10.77 -23.05 14.86
N GLY C 48 10.70 -23.46 16.13
CA GLY C 48 11.07 -22.64 17.29
C GLY C 48 9.88 -21.91 17.90
N LYS C 49 10.13 -20.82 18.61
CA LYS C 49 9.19 -20.16 19.55
C LYS C 49 7.84 -19.96 18.86
N PHE C 50 7.85 -19.37 17.66
CA PHE C 50 6.67 -18.74 17.02
C PHE C 50 6.15 -19.60 15.87
N ALA C 51 6.64 -20.83 15.74
CA ALA C 51 6.25 -21.78 14.68
C ALA C 51 4.84 -22.29 14.94
N ASN C 52 4.44 -22.37 16.21
CA ASN C 52 3.05 -22.64 16.64
C ASN C 52 2.78 -21.86 17.93
N ILE C 53 2.42 -20.58 17.78
CA ILE C 53 2.13 -19.61 18.88
C ILE C 53 1.02 -20.20 19.75
N ASN C 54 1.27 -20.28 21.05
CA ASN C 54 0.22 -20.48 22.08
C ASN C 54 0.52 -19.58 23.27
N ASN C 55 -0.35 -18.59 23.53
CA ASN C 55 -0.21 -17.60 24.62
C ASN C 55 -1.13 -17.98 25.79
N GLU C 56 -1.91 -19.05 25.62
CA GLU C 56 -2.68 -19.70 26.73
C GLU C 56 -1.69 -20.24 27.75
N THR C 57 -0.67 -20.98 27.29
CA THR C 57 0.36 -21.65 28.13
C THR C 57 1.62 -20.78 28.22
N ASN C 58 1.77 -19.80 27.33
CA ASN C 58 2.91 -18.83 27.31
C ASN C 58 2.38 -17.40 27.29
N PRO C 59 1.73 -16.92 28.37
CA PRO C 59 1.16 -15.58 28.38
C PRO C 59 2.21 -14.45 28.34
N GLY C 60 3.47 -14.77 28.67
CA GLY C 60 4.58 -13.81 28.76
C GLY C 60 4.75 -12.98 27.49
N GLU C 61 5.16 -11.71 27.63
CA GLU C 61 5.24 -10.73 26.51
C GLU C 61 6.28 -11.19 25.49
N ASP C 62 7.40 -11.78 25.94
CA ASP C 62 8.49 -12.25 25.05
C ASP C 62 7.92 -13.22 24.01
N TYR C 63 6.74 -13.80 24.28
CA TYR C 63 6.05 -14.80 23.42
C TYR C 63 4.92 -14.13 22.59
N LYS C 64 4.73 -12.81 22.72
CA LYS C 64 3.62 -12.04 22.07
C LYS C 64 4.19 -10.98 21.11
N LYS C 65 5.49 -11.02 20.81
CA LYS C 65 6.19 -10.01 19.97
C LYS C 65 7.61 -10.46 19.63
N PHE C 66 8.15 -9.96 18.52
CA PHE C 66 9.53 -10.20 18.06
C PHE C 66 9.85 -9.20 16.94
N SER C 67 11.10 -9.20 16.48
CA SER C 67 11.65 -8.21 15.52
C SER C 67 12.59 -8.91 14.54
N VAL C 68 12.58 -8.45 13.28
CA VAL C 68 13.48 -8.91 12.20
C VAL C 68 14.24 -7.70 11.68
N LYS C 69 15.57 -7.71 11.80
CA LYS C 69 16.48 -6.60 11.41
C LYS C 69 17.21 -6.99 10.13
N LEU C 70 17.28 -6.07 9.16
CA LEU C 70 18.25 -6.13 8.04
C LEU C 70 19.24 -4.98 8.19
N LEU C 71 20.52 -5.29 8.40
CA LEU C 71 21.60 -4.32 8.63
C LEU C 71 22.46 -4.21 7.36
N PHE C 72 22.74 -2.98 6.93
CA PHE C 72 23.45 -2.67 5.68
C PHE C 72 24.61 -1.71 5.98
N ASP C 73 25.70 -1.82 5.19
CA ASP C 73 26.88 -0.90 5.23
C ASP C 73 26.71 0.19 4.16
N ALA C 74 27.68 1.12 4.06
CA ALA C 74 27.65 2.32 3.18
C ALA C 74 27.50 1.90 1.71
N ASN C 75 27.95 0.69 1.36
CA ASN C 75 27.77 0.09 0.01
C ASN C 75 26.36 -0.52 -0.09
N GLY C 76 25.75 -0.83 1.05
CA GLY C 76 24.39 -1.40 1.14
C GLY C 76 24.42 -2.92 1.12
N LYS C 77 25.56 -3.51 1.47
CA LYS C 77 25.70 -4.97 1.66
C LYS C 77 25.03 -5.37 2.96
N LEU C 78 24.33 -6.49 2.97
CA LEU C 78 23.72 -7.11 4.17
C LEU C 78 24.85 -7.62 5.06
N LEU C 79 24.81 -7.28 6.35
CA LEU C 79 25.84 -7.66 7.34
C LEU C 79 25.39 -8.92 8.09
N THR C 80 26.32 -9.65 8.68
CA THR C 80 26.07 -10.56 9.82
C THR C 80 25.55 -9.72 11.00
N GLY C 81 24.64 -10.26 11.80
CA GLY C 81 23.87 -9.49 12.80
C GLY C 81 22.51 -9.12 12.26
N SER C 82 22.36 -9.10 10.92
CA SER C 82 21.04 -9.17 10.23
C SER C 82 20.35 -10.48 10.61
N SER C 83 19.03 -10.45 10.76
CA SER C 83 18.17 -11.64 10.96
C SER C 83 18.17 -12.49 9.69
N LEU C 84 18.42 -11.86 8.54
CA LEU C 84 18.32 -12.48 7.19
C LEU C 84 19.70 -12.92 6.72
N ASP C 85 19.89 -14.21 6.45
CA ASP C 85 21.09 -14.77 5.79
C ASP C 85 21.19 -14.21 4.37
N GLY C 86 22.41 -13.87 3.92
CA GLY C 86 22.66 -13.09 2.70
C GLY C 86 23.08 -13.98 1.53
N ASN C 87 23.16 -15.30 1.76
CA ASN C 87 23.43 -16.30 0.69
C ASN C 87 22.37 -16.15 -0.40
N TYR C 88 21.09 -16.20 -0.01
CA TYR C 88 19.91 -16.20 -0.92
C TYR C 88 19.20 -14.83 -0.84
N TRP C 89 20.00 -13.75 -0.77
CA TRP C 89 19.58 -12.33 -0.84
C TRP C 89 20.47 -11.59 -1.84
N ASN C 90 19.93 -11.29 -3.02
CA ASN C 90 20.69 -10.74 -4.18
C ASN C 90 19.71 -10.18 -5.21
N TYR C 91 20.22 -9.73 -6.36
CA TYR C 91 19.44 -9.27 -7.53
C TYR C 91 18.79 -10.47 -8.22
N LYS C 92 17.64 -10.24 -8.86
CA LYS C 92 16.74 -11.30 -9.39
C LYS C 92 17.38 -11.95 -10.61
N ASN C 93 17.13 -13.25 -10.82
CA ASN C 93 17.55 -14.02 -12.02
C ASN C 93 16.56 -15.16 -12.24
N LYS C 94 15.58 -14.94 -13.13
CA LYS C 94 14.29 -15.70 -13.20
C LYS C 94 13.71 -15.81 -11.78
N ASP C 95 13.26 -17.00 -11.35
CA ASP C 95 12.56 -17.21 -10.05
C ASP C 95 13.61 -17.33 -8.93
N SER C 96 14.89 -17.15 -9.26
CA SER C 96 16.06 -17.43 -8.38
C SER C 96 16.92 -16.16 -8.21
N VAL C 97 18.24 -16.31 -8.06
CA VAL C 97 19.20 -15.26 -7.62
C VAL C 97 20.44 -15.30 -8.52
N ILE C 98 21.16 -14.18 -8.63
CA ILE C 98 22.34 -14.00 -9.53
C ILE C 98 23.54 -14.80 -8.97
N GLY C 99 24.43 -15.28 -9.85
CA GLY C 99 25.56 -16.18 -9.51
C GLY C 99 26.49 -15.56 -8.48
N SER C 100 27.00 -14.35 -8.75
CA SER C 100 27.94 -13.57 -7.89
C SER C 100 27.14 -12.82 -6.83
N PRO C 101 27.66 -12.69 -5.59
CA PRO C 101 27.10 -11.72 -4.63
C PRO C 101 27.26 -10.29 -5.15
N TYR C 102 26.38 -9.38 -4.71
CA TYR C 102 26.27 -7.99 -5.23
C TYR C 102 27.29 -7.08 -4.52
N GLU C 103 28.00 -6.25 -5.28
CA GLU C 103 29.05 -5.34 -4.79
C GLU C 103 28.40 -4.09 -4.17
N ASN C 104 27.53 -3.42 -4.94
CA ASN C 104 26.87 -2.13 -4.53
C ASN C 104 25.35 -2.30 -4.62
N ALA C 105 24.61 -1.70 -3.68
CA ALA C 105 23.12 -1.71 -3.65
C ALA C 105 22.59 -0.55 -2.80
N VAL C 106 23.14 0.65 -2.99
CA VAL C 106 22.69 1.90 -2.30
C VAL C 106 21.33 2.34 -2.86
N PRO C 107 21.12 2.34 -4.21
CA PRO C 107 19.86 2.77 -4.80
C PRO C 107 18.63 2.21 -4.08
N PHE C 108 18.79 1.12 -3.32
CA PHE C 108 17.67 0.36 -2.69
C PHE C 108 17.56 0.68 -1.20
N MET C 109 18.55 1.37 -0.63
CA MET C 109 18.59 1.71 0.82
C MET C 109 17.64 2.87 1.08
N PRO C 110 16.98 2.92 2.28
CA PRO C 110 16.18 4.08 2.65
C PRO C 110 17.00 5.39 2.65
N ASN C 111 16.35 6.51 2.27
CA ASN C 111 17.00 7.84 2.18
C ASN C 111 17.41 8.30 3.60
N SER C 112 18.70 8.58 3.78
CA SER C 112 19.31 8.98 5.08
C SER C 112 19.11 10.48 5.33
N THR C 113 18.46 11.19 4.39
CA THR C 113 17.97 12.58 4.56
C THR C 113 16.51 12.53 5.01
N ALA C 114 15.72 11.65 4.41
CA ALA C 114 14.30 11.42 4.76
C ALA C 114 14.20 10.68 6.08
N TYR C 115 15.01 9.63 6.25
CA TYR C 115 15.07 8.76 7.44
C TYR C 115 16.47 8.83 8.05
N PRO C 116 16.85 9.97 8.65
CA PRO C 116 18.17 10.10 9.25
C PRO C 116 18.31 9.19 10.49
N LYS C 117 19.55 8.75 10.78
CA LYS C 117 19.92 8.20 12.10
C LYS C 117 19.77 9.29 13.17
N ILE C 118 18.93 9.04 14.17
CA ILE C 118 18.65 9.92 15.34
C ILE C 118 19.98 10.27 16.01
N ILE C 119 20.12 11.49 16.54
CA ILE C 119 21.39 12.04 17.10
C ILE C 119 21.30 12.11 18.63
N ASN C 120 22.47 12.24 19.30
CA ASN C 120 22.65 12.07 20.77
C ASN C 120 22.97 13.43 21.43
N ASN C 121 22.31 14.50 20.99
CA ASN C 121 22.31 15.84 21.67
C ASN C 121 20.88 16.20 22.07
N GLY C 122 20.75 17.06 23.08
CA GLY C 122 19.48 17.38 23.77
C GLY C 122 18.75 18.55 23.13
N THR C 123 19.50 19.61 22.76
CA THR C 123 18.95 20.88 22.19
C THR C 123 18.38 20.63 20.79
N ALA C 124 17.41 21.45 20.37
CA ALA C 124 16.57 21.27 19.16
C ALA C 124 15.66 22.50 18.99
N ASN C 125 15.81 23.23 17.89
CA ASN C 125 15.04 24.47 17.58
C ASN C 125 13.83 24.12 16.72
N PRO C 126 12.79 25.00 16.66
CA PRO C 126 11.50 24.62 16.08
C PRO C 126 11.60 23.89 14.72
N GLU C 127 12.31 24.48 13.76
CA GLU C 127 12.40 24.02 12.36
C GLU C 127 13.38 22.85 12.25
N ASP C 128 14.31 22.73 13.21
CA ASP C 128 15.45 21.77 13.19
C ASP C 128 15.10 20.53 14.03
N LYS C 129 13.84 20.40 14.48
CA LYS C 129 13.31 19.22 15.23
C LYS C 129 12.94 18.11 14.24
N LYS C 130 13.63 16.97 14.34
CA LYS C 130 13.45 15.81 13.41
C LYS C 130 12.37 14.88 14.00
N SER C 131 11.93 13.90 13.21
CA SER C 131 10.71 13.09 13.46
C SER C 131 11.09 11.61 13.64
N ALA C 132 10.48 10.94 14.61
CA ALA C 132 10.56 9.49 14.83
C ALA C 132 9.61 8.77 13.87
N ALA C 133 8.37 9.26 13.75
CA ALA C 133 7.24 8.62 13.04
C ALA C 133 7.53 8.59 11.53
N LYS C 134 8.08 9.67 10.99
CA LYS C 134 8.53 9.79 9.57
C LYS C 134 9.19 8.49 9.10
N LYS C 135 10.03 7.87 9.95
CA LYS C 135 10.91 6.71 9.61
C LYS C 135 10.12 5.41 9.73
N THR C 136 8.82 5.52 10.00
CA THR C 136 7.94 4.43 10.48
C THR C 136 6.81 4.18 9.46
N ILE C 137 6.50 2.91 9.20
CA ILE C 137 5.18 2.47 8.68
C ILE C 137 4.54 1.52 9.70
N VAL C 138 3.45 1.95 10.35
CA VAL C 138 2.62 1.10 11.24
C VAL C 138 1.37 0.66 10.50
N THR C 139 1.09 -0.63 10.56
CA THR C 139 0.01 -1.32 9.81
C THR C 139 -0.29 -2.63 10.54
N ASN C 140 -1.01 -3.55 9.89
CA ASN C 140 -1.24 -4.92 10.39
C ASN C 140 -0.98 -5.92 9.26
N VAL C 141 -0.39 -7.07 9.59
CA VAL C 141 -0.54 -8.32 8.81
C VAL C 141 -1.47 -9.25 9.58
N TYR C 142 -1.88 -10.34 8.95
CA TYR C 142 -2.94 -11.25 9.43
C TYR C 142 -2.46 -12.69 9.27
N LEU C 143 -2.26 -13.35 10.40
CA LEU C 143 -1.72 -14.73 10.48
C LEU C 143 -2.70 -15.69 9.82
N GLY C 144 -2.20 -16.52 8.89
CA GLY C 144 -2.97 -17.57 8.23
C GLY C 144 -3.87 -17.01 7.16
N GLY C 145 -3.77 -15.70 6.91
CA GLY C 145 -4.67 -14.95 6.02
C GLY C 145 -6.08 -14.85 6.58
N ASP C 146 -6.23 -15.13 7.88
CA ASP C 146 -7.48 -14.96 8.66
C ASP C 146 -7.51 -13.53 9.20
N ALA C 147 -8.61 -12.81 8.92
CA ALA C 147 -8.81 -11.38 9.25
C ALA C 147 -8.96 -11.21 10.76
N GLY C 148 -9.22 -12.30 11.49
CA GLY C 148 -9.42 -12.28 12.95
C GLY C 148 -8.12 -12.51 13.71
N GLN C 149 -6.99 -12.56 13.00
CA GLN C 149 -5.66 -12.90 13.56
C GLN C 149 -4.65 -11.79 13.20
N PRO C 150 -4.87 -10.57 13.71
CA PRO C 150 -3.98 -9.43 13.43
C PRO C 150 -2.67 -9.41 14.21
N VAL C 151 -1.59 -9.09 13.52
CA VAL C 151 -0.28 -8.70 14.11
C VAL C 151 0.01 -7.24 13.75
N ALA C 152 0.13 -6.38 14.75
CA ALA C 152 0.66 -5.01 14.60
C ALA C 152 2.07 -5.08 14.02
N THR C 153 2.26 -4.53 12.84
CA THR C 153 3.50 -4.59 12.05
C THR C 153 4.08 -3.18 11.89
N THR C 154 5.35 -3.01 12.23
CA THR C 154 6.06 -1.71 12.22
C THR C 154 7.34 -1.86 11.39
N VAL C 155 7.29 -1.44 10.13
CA VAL C 155 8.51 -1.22 9.29
C VAL C 155 9.19 0.07 9.75
N SER C 156 10.50 0.02 10.01
CA SER C 156 11.32 1.18 10.44
C SER C 156 12.55 1.30 9.52
N PHE C 157 12.98 2.51 9.20
CA PHE C 157 14.10 2.78 8.28
C PHE C 157 15.25 3.46 9.02
N ASN C 158 16.47 2.95 8.84
CA ASN C 158 17.70 3.49 9.46
C ASN C 158 17.43 3.73 10.96
N LYS C 159 16.67 2.83 11.58
CA LYS C 159 16.35 2.82 13.04
C LYS C 159 17.54 2.23 13.79
N GLU C 160 18.09 1.14 13.27
CA GLU C 160 19.11 0.29 13.94
C GLU C 160 20.47 0.97 13.78
N THR C 161 21.39 0.66 14.68
CA THR C 161 22.80 1.13 14.67
C THR C 161 23.72 -0.09 14.92
N GLU C 162 23.15 -1.30 14.91
CA GLU C 162 23.81 -2.59 15.24
C GLU C 162 24.88 -2.91 14.19
N SER C 163 26.01 -3.48 14.62
CA SER C 163 27.15 -3.90 13.77
C SER C 163 27.68 -2.72 12.93
N ASN C 164 27.49 -1.49 13.41
CA ASN C 164 27.91 -0.23 12.73
C ASN C 164 27.25 -0.15 11.35
N CYS C 165 25.95 -0.42 11.30
CA CYS C 165 25.10 -0.29 10.08
C CYS C 165 25.00 1.19 9.69
N VAL C 166 24.82 1.48 8.40
CA VAL C 166 24.55 2.84 7.87
C VAL C 166 23.06 2.95 7.49
N TYR C 167 22.50 1.86 6.95
CA TYR C 167 21.05 1.73 6.60
C TYR C 167 20.49 0.46 7.26
N SER C 168 19.20 0.47 7.61
CA SER C 168 18.53 -0.61 8.38
C SER C 168 17.02 -0.58 8.15
N ILE C 169 16.52 -1.54 7.38
CA ILE C 169 15.09 -1.96 7.37
C ILE C 169 14.85 -2.88 8.57
N THR C 170 13.82 -2.58 9.37
CA THR C 170 13.43 -3.33 10.60
C THR C 170 11.92 -3.58 10.59
N PHE C 171 11.52 -4.84 10.60
CA PHE C 171 10.12 -5.29 10.77
C PHE C 171 9.90 -5.76 12.21
N ASP C 172 9.20 -4.97 13.02
CA ASP C 172 8.75 -5.37 14.39
C ASP C 172 7.36 -5.97 14.26
N PHE C 173 7.01 -6.94 15.10
CA PHE C 173 5.69 -7.61 15.11
C PHE C 173 5.25 -7.82 16.55
N ALA C 174 3.98 -7.55 16.86
CA ALA C 174 3.40 -7.69 18.21
C ALA C 174 1.89 -7.92 18.11
N TRP C 175 1.28 -8.56 19.12
CA TRP C 175 -0.17 -8.88 19.15
C TRP C 175 -0.71 -8.90 20.58
N ASN C 176 -2.00 -8.57 20.75
CA ASN C 176 -2.72 -8.52 22.05
C ASN C 176 -3.47 -9.81 22.26
N LYS C 177 -3.98 -10.39 21.17
CA LYS C 177 -4.80 -11.62 21.17
C LYS C 177 -4.01 -12.71 21.90
N THR C 178 -4.71 -13.60 22.62
CA THR C 178 -4.12 -14.84 23.23
C THR C 178 -4.35 -16.01 22.26
N TYR C 179 -3.53 -16.07 21.21
CA TYR C 179 -3.60 -17.06 20.10
C TYR C 179 -3.29 -18.47 20.62
N LYS C 180 -4.10 -19.44 20.22
CA LYS C 180 -3.98 -20.87 20.62
C LYS C 180 -3.61 -21.72 19.40
N ASN C 181 -2.37 -22.23 19.36
CA ASN C 181 -1.84 -23.10 18.27
C ASN C 181 -2.03 -22.37 16.94
N VAL C 182 -1.34 -21.25 16.77
CA VAL C 182 -1.43 -20.40 15.57
C VAL C 182 -0.03 -20.17 15.04
N PRO C 183 0.38 -20.91 13.99
CA PRO C 183 1.66 -20.65 13.34
C PRO C 183 1.75 -19.17 12.98
N PHE C 184 2.90 -18.53 13.21
CA PHE C 184 3.22 -17.22 12.62
C PHE C 184 3.43 -17.39 11.11
N ASP C 185 2.34 -17.26 10.35
CA ASP C 185 2.32 -17.19 8.87
C ASP C 185 1.63 -15.88 8.46
N SER C 186 2.40 -14.86 8.09
CA SER C 186 1.90 -13.50 7.81
C SER C 186 1.36 -13.43 6.38
N SER C 187 0.29 -12.65 6.19
CA SER C 187 -0.20 -12.21 4.86
C SER C 187 0.82 -11.25 4.24
N SER C 188 1.00 -11.32 2.93
CA SER C 188 1.86 -10.40 2.14
C SER C 188 1.48 -8.96 2.49
N LEU C 189 2.48 -8.11 2.76
CA LEU C 189 2.29 -6.66 3.05
C LEU C 189 2.96 -5.83 1.95
N THR C 190 2.20 -4.97 1.29
CA THR C 190 2.73 -3.99 0.30
C THR C 190 3.06 -2.66 1.01
N PHE C 191 4.21 -2.06 0.68
CA PHE C 191 4.65 -0.75 1.22
C PHE C 191 5.75 -0.17 0.34
N SER C 192 6.03 1.11 0.51
CA SER C 192 7.07 1.87 -0.22
C SER C 192 7.80 2.79 0.75
N TYR C 193 9.04 3.10 0.43
CA TYR C 193 9.86 4.11 1.14
C TYR C 193 10.69 4.86 0.10
N ILE C 194 11.22 6.02 0.48
CA ILE C 194 12.01 6.86 -0.44
C ILE C 194 13.48 6.42 -0.34
N ALA C 195 14.16 6.33 -1.49
CA ALA C 195 15.45 5.64 -1.66
C ALA C 195 16.59 6.65 -1.47
N GLN C 196 17.83 6.20 -1.62
CA GLN C 196 19.03 7.05 -1.80
C GLN C 196 19.65 6.70 -3.16
N ASP C 197 20.51 7.56 -3.67
CA ASP C 197 21.52 7.24 -4.72
C ASP C 197 22.72 8.19 -4.57
N ALA C 198 23.88 7.82 -5.14
CA ALA C 198 25.15 8.57 -5.06
C ALA C 198 26.02 8.28 -6.29
N GLU C 199 26.64 9.33 -6.87
CA GLU C 199 27.35 9.28 -8.17
C GLU C 199 28.74 8.65 -7.99
N ASP C 200 29.26 8.07 -9.07
CA ASP C 200 30.72 8.04 -9.42
C ASP C 200 30.96 6.93 -10.45
C1 SLB D . -7.20 -0.31 19.77
C2 SLB D . -5.99 0.09 18.88
C3 SLB D . -6.40 0.76 17.58
C4 SLB D . -5.20 1.00 16.67
C5 SLB D . -4.39 -0.28 16.53
C6 SLB D . -4.00 -0.78 17.92
C7 SLB D . -3.10 -2.02 17.91
C8 SLB D . -2.00 -1.92 19.00
C9 SLB D . -2.54 -1.83 20.41
C10 SLB D . -2.87 -1.05 14.80
C11 SLB D . -1.67 -0.74 13.95
N5 SLB D . -3.24 -0.13 15.67
O1A SLB D . -7.95 0.56 20.17
O1B SLB D . -7.37 -1.46 20.08
O2 SLB D . -5.18 0.98 19.60
O4 SLB D . -5.62 1.46 15.39
O6 SLB D . -5.22 -1.10 18.63
O7 SLB D . -3.89 -3.20 18.08
O8 SLB D . -1.12 -3.05 18.89
O9 SLB D . -2.47 -0.50 20.92
O10 SLB D . -3.46 -2.12 14.71
C1 SLB E . -14.62 1.49 15.00
C2 SLB E . -14.14 2.21 13.74
C3 SLB E . -13.71 1.16 12.73
C4 SLB E . -13.05 1.74 11.50
C5 SLB E . -12.03 2.81 11.88
C6 SLB E . -12.62 3.84 12.86
C7 SLB E . -11.66 4.95 13.26
C8 SLB E . -12.37 6.37 13.27
C9 SLB E . -13.59 6.41 14.15
C10 SLB E . -10.33 3.16 10.15
C11 SLB E . -9.97 3.86 8.87
N5 SLB E . -11.52 3.44 10.67
O1A SLB E . -13.96 1.54 16.03
O1B SLB E . -15.66 0.84 14.94
O2 SLB E . -15.22 2.96 13.25
O4 SLB E . -12.41 0.71 10.75
O6 SLB E . -13.06 3.13 14.05
O7 SLB E . -11.04 4.66 14.51
O8 SLB E . -11.46 7.40 13.69
O9 SLB E . -14.63 5.59 13.63
O10 SLB E . -9.56 2.36 10.69
C1 SLB F . -12.30 -7.47 15.95
C2 SLB F . -11.46 -7.97 14.80
C3 SLB F . -10.18 -7.16 14.68
C4 SLB F . -9.47 -7.41 13.36
C5 SLB F . -10.45 -7.24 12.22
C6 SLB F . -11.56 -8.28 12.39
C7 SLB F . -12.54 -8.28 11.22
C8 SLB F . -13.71 -9.23 11.40
C9 SLB F . -13.30 -10.68 11.58
C10 SLB F . -9.53 -6.25 10.16
C11 SLB F . -9.27 -4.98 10.92
N5 SLB F . -9.83 -7.33 10.90
O1A SLB F . -13.29 -6.84 15.71
O1B SLB F . -11.95 -7.68 17.08
O2 SLB F . -11.13 -9.30 15.03
O4 SLB F . -8.39 -6.49 13.23
O6 SLB F . -12.27 -7.93 13.59
O7 SLB F . -13.04 -6.97 10.98
O8 SLB F . -14.46 -8.83 12.53
O9 SLB F . -14.41 -11.56 11.41
O10 SLB F . -9.46 -6.31 8.94
#